data_2NZC
#
_entry.id   2NZC
#
_cell.length_a   70.245
_cell.length_b   81.448
_cell.length_c   108.877
_cell.angle_alpha   90.00
_cell.angle_beta   90.00
_cell.angle_gamma   90.00
#
_symmetry.space_group_name_H-M   'C 2 2 21'
#
loop_
_entity.id
_entity.type
_entity.pdbx_description
1 polymer 'Hypothetical protein'
2 non-polymer 'PHOSPHATE ION'
3 non-polymer 'ACETIC ACID'
4 non-polymer GLYCEROL
5 water water
#
_entity_poly.entity_id   1
_entity_poly.type   'polypeptide(L)'
_entity_poly.pdbx_seq_one_letter_code
;GH(MSE)EKRFYILTIVVEDREKAYRQVNELLHNFSEDILLRVGYPVREEN(MSE)AIIFLVLKTDNDTIGALSGKLGQI
SGVRVKTVPLKRGS
;
_entity_poly.pdbx_strand_id   A,B,C,D
#
# COMPACT_ATOMS: atom_id res chain seq x y z
N GLU A 4 15.49 -16.13 14.90
CA GLU A 4 14.81 -15.41 16.02
C GLU A 4 13.73 -14.47 15.46
N LYS A 5 14.02 -13.82 14.34
CA LYS A 5 13.01 -12.98 13.65
C LYS A 5 12.40 -13.62 12.40
N ARG A 6 11.10 -13.36 12.22
CA ARG A 6 10.36 -13.87 11.07
CA ARG A 6 10.31 -13.90 11.11
C ARG A 6 9.38 -12.81 10.56
N PHE A 7 8.84 -13.02 9.35
CA PHE A 7 7.88 -12.09 8.78
C PHE A 7 6.46 -12.46 9.17
N TYR A 8 5.67 -11.41 9.45
CA TYR A 8 4.26 -11.54 9.82
C TYR A 8 3.45 -10.49 9.15
N ILE A 9 2.22 -10.84 8.83
CA ILE A 9 1.32 -9.89 8.22
C ILE A 9 0.20 -9.65 9.22
N LEU A 10 -0.16 -8.40 9.44
CA LEU A 10 -1.30 -8.10 10.32
C LEU A 10 -2.31 -7.37 9.50
N THR A 11 -3.55 -7.80 9.59
CA THR A 11 -4.66 -7.05 9.04
C THR A 11 -5.49 -6.55 10.23
N ILE A 12 -5.79 -5.26 10.22
CA ILE A 12 -6.55 -4.62 11.28
C ILE A 12 -7.77 -3.93 10.69
N VAL A 13 -8.94 -4.17 11.29
CA VAL A 13 -10.16 -3.45 10.92
C VAL A 13 -10.60 -2.67 12.16
N VAL A 14 -10.85 -1.37 12.00
CA VAL A 14 -11.09 -0.47 13.12
C VAL A 14 -12.37 0.29 12.85
N GLU A 15 -13.30 0.22 13.80
CA GLU A 15 -14.51 1.01 13.74
C GLU A 15 -14.14 2.45 14.06
N ASP A 16 -14.71 3.40 13.32
CA ASP A 16 -14.30 4.81 13.43
C ASP A 16 -14.79 5.45 14.72
N ARG A 17 -13.99 5.27 15.77
CA ARG A 17 -14.20 5.93 17.05
C ARG A 17 -12.87 6.63 17.30
N GLU A 18 -12.94 7.85 17.82
CA GLU A 18 -11.74 8.64 18.06
C GLU A 18 -10.71 7.83 18.86
N LYS A 19 -11.19 7.20 19.93
CA LYS A 19 -10.38 6.46 20.89
C LYS A 19 -9.75 5.21 20.28
N ALA A 20 -10.54 4.44 19.54
CA ALA A 20 -10.03 3.22 18.88
C ALA A 20 -8.86 3.55 17.98
N TYR A 21 -9.04 4.56 17.11
CA TYR A 21 -7.95 5.02 16.24
C TYR A 21 -6.73 5.41 17.05
N ARG A 22 -6.92 6.29 18.03
CA ARG A 22 -5.83 6.75 18.88
C ARG A 22 -5.03 5.60 19.55
N GLN A 23 -5.74 4.64 20.14
CA GLN A 23 -5.09 3.52 20.84
C GLN A 23 -4.36 2.58 19.89
N VAL A 24 -4.93 2.36 18.71
CA VAL A 24 -4.23 1.55 17.69
C VAL A 24 -2.91 2.27 17.30
N ASN A 25 -3.00 3.56 16.98
CA ASN A 25 -1.81 4.34 16.63
C ASN A 25 -0.74 4.39 17.72
N GLU A 26 -1.17 4.56 18.97
CA GLU A 26 -0.24 4.57 20.11
C GLU A 26 0.48 3.21 20.25
N LEU A 27 -0.27 2.13 20.05
CA LEU A 27 0.30 0.80 20.16
C LEU A 27 1.30 0.57 19.03
N LEU A 28 0.91 0.88 17.81
CA LEU A 28 1.78 0.68 16.66
C LEU A 28 3.02 1.58 16.73
N HIS A 29 2.88 2.76 17.33
CA HIS A 29 4.07 3.58 17.51
C HIS A 29 5.11 2.83 18.36
N ASN A 30 4.65 2.13 19.41
CA ASN A 30 5.57 1.36 20.25
C ASN A 30 6.35 0.30 19.47
N PHE A 31 5.76 -0.18 18.38
CA PHE A 31 6.30 -1.29 17.60
C PHE A 31 6.86 -0.89 16.26
N SER A 32 7.17 0.40 16.10
CA SER A 32 7.47 0.89 14.75
C SER A 32 8.78 0.34 14.21
N GLU A 33 9.71 0.00 15.10
CA GLU A 33 11.00 -0.60 14.74
CA GLU A 33 10.98 -0.55 14.66
C GLU A 33 10.80 -1.84 13.86
N ASP A 34 9.74 -2.58 14.15
CA ASP A 34 9.42 -3.88 13.52
C ASP A 34 8.60 -3.77 12.26
N ILE A 35 8.12 -2.57 11.95
CA ILE A 35 7.12 -2.43 10.89
C ILE A 35 7.86 -2.11 9.62
N LEU A 36 7.62 -2.92 8.59
CA LEU A 36 8.28 -2.77 7.30
C LEU A 36 7.37 -2.08 6.29
N LEU A 37 6.06 -2.07 6.58
CA LEU A 37 5.11 -1.50 5.59
C LEU A 37 3.83 -1.24 6.32
N ARG A 38 3.24 -0.06 6.11
CA ARG A 38 1.91 0.14 6.69
C ARG A 38 1.02 0.77 5.64
N VAL A 39 -0.16 0.21 5.43
CA VAL A 39 -1.10 0.72 4.40
C VAL A 39 -2.40 1.00 5.14
N GLY A 40 -2.90 2.23 5.07
CA GLY A 40 -4.17 2.56 5.68
C GLY A 40 -5.17 2.95 4.61
N TYR A 41 -6.37 2.37 4.67
CA TYR A 41 -7.42 2.57 3.66
C TYR A 41 -8.71 2.80 4.40
N PRO A 42 -9.16 4.07 4.49
CA PRO A 42 -10.45 4.31 5.06
C PRO A 42 -11.63 3.76 4.25
N VAL A 43 -12.66 3.30 4.95
CA VAL A 43 -13.89 2.95 4.28
C VAL A 43 -14.97 3.85 4.84
N ARG A 44 -15.10 5.05 4.27
CA ARG A 44 -15.99 6.04 4.86
C ARG A 44 -17.44 5.63 4.82
N GLU A 45 -17.82 4.91 3.78
CA GLU A 45 -19.23 4.54 3.68
C GLU A 45 -19.62 3.51 4.74
N GLU A 46 -18.64 2.96 5.44
CA GLU A 46 -18.90 2.03 6.55
C GLU A 46 -18.44 2.52 7.91
N ASN A 47 -17.91 3.75 7.95
CA ASN A 47 -17.26 4.34 9.13
C ASN A 47 -16.26 3.43 9.78
N ALA A 49 -11.94 1.79 9.11
CA ALA A 49 -10.67 1.91 8.38
C ALA A 49 -9.99 0.57 8.40
N ILE A 50 -9.19 0.29 7.37
CA ILE A 50 -8.42 -0.95 7.26
C ILE A 50 -6.96 -0.59 7.38
N ILE A 51 -6.20 -1.36 8.14
CA ILE A 51 -4.77 -1.21 8.19
C ILE A 51 -4.12 -2.53 7.85
N PHE A 52 -3.17 -2.50 6.90
CA PHE A 52 -2.37 -3.69 6.57
C PHE A 52 -0.95 -3.40 7.03
N LEU A 53 -0.31 -4.38 7.66
CA LEU A 53 1.08 -4.20 8.13
C LEU A 53 1.89 -5.43 7.81
N VAL A 54 3.15 -5.20 7.47
CA VAL A 54 4.11 -6.28 7.43
C VAL A 54 5.17 -5.99 8.48
N LEU A 55 5.49 -7.00 9.30
CA LEU A 55 6.48 -6.86 10.37
C LEU A 55 7.53 -7.91 10.21
N LYS A 56 8.76 -7.61 10.66
CA LYS A 56 9.72 -8.68 10.83
C LYS A 56 10.12 -8.64 12.30
N THR A 57 9.71 -9.64 13.07
CA THR A 57 9.98 -9.61 14.50
C THR A 57 9.91 -11.00 15.14
N ASP A 58 10.21 -11.11 16.42
CA ASP A 58 10.17 -12.40 17.08
C ASP A 58 8.74 -12.78 17.45
N ASN A 59 8.58 -14.04 17.80
CA ASN A 59 7.30 -14.63 18.16
C ASN A 59 6.60 -13.91 19.33
N ASP A 60 7.36 -13.62 20.38
CA ASP A 60 6.77 -12.99 21.56
C ASP A 60 6.29 -11.57 21.26
N THR A 61 7.05 -10.82 20.45
CA THR A 61 6.64 -9.46 20.09
C THR A 61 5.35 -9.49 19.26
N ILE A 62 5.27 -10.36 18.25
CA ILE A 62 4.04 -10.36 17.43
C ILE A 62 2.84 -10.85 18.25
N GLY A 63 3.08 -11.81 19.15
CA GLY A 63 2.10 -12.25 20.16
C GLY A 63 1.63 -11.08 21.01
N ALA A 64 2.58 -10.30 21.52
CA ALA A 64 2.26 -9.15 22.37
C ALA A 64 1.41 -8.09 21.66
N LEU A 65 1.84 -7.70 20.48
CA LEU A 65 1.10 -6.71 19.70
C LEU A 65 -0.32 -7.18 19.30
N SER A 66 -0.42 -8.38 18.76
CA SER A 66 -1.72 -8.97 18.42
C SER A 66 -2.65 -9.01 19.62
N GLY A 67 -2.11 -9.46 20.75
CA GLY A 67 -2.90 -9.56 21.98
C GLY A 67 -3.46 -8.22 22.37
N LYS A 68 -2.63 -7.19 22.31
CA LYS A 68 -3.01 -5.86 22.76
C LYS A 68 -4.00 -5.21 21.81
N LEU A 69 -3.78 -5.38 20.51
CA LEU A 69 -4.73 -4.88 19.50
C LEU A 69 -6.10 -5.49 19.66
N GLY A 70 -6.16 -6.82 19.85
CA GLY A 70 -7.43 -7.54 20.01
C GLY A 70 -8.25 -7.07 21.20
N GLN A 71 -7.59 -6.60 22.25
CA GLN A 71 -8.29 -6.12 23.44
C GLN A 71 -8.98 -4.76 23.26
N ILE A 72 -8.67 -4.05 22.18
CA ILE A 72 -9.24 -2.70 22.00
C ILE A 72 -10.67 -2.81 21.46
N SER A 73 -11.63 -2.15 22.12
CA SER A 73 -13.00 -2.13 21.62
C SER A 73 -13.04 -1.54 20.21
N GLY A 74 -13.66 -2.27 19.29
CA GLY A 74 -13.86 -1.82 17.93
C GLY A 74 -12.75 -2.20 17.01
N VAL A 75 -11.83 -3.05 17.49
CA VAL A 75 -10.68 -3.46 16.67
C VAL A 75 -10.75 -4.95 16.46
N ARG A 76 -10.56 -5.37 15.21
CA ARG A 76 -10.45 -6.78 14.88
C ARG A 76 -9.09 -6.94 14.23
N VAL A 77 -8.38 -8.00 14.59
CA VAL A 77 -7.00 -8.16 14.10
C VAL A 77 -6.80 -9.61 13.68
N LYS A 78 -6.11 -9.81 12.58
CA LYS A 78 -5.79 -11.15 12.11
C LYS A 78 -4.27 -11.15 11.88
N THR A 79 -3.57 -12.20 12.34
CA THR A 79 -2.10 -12.29 12.15
C THR A 79 -1.78 -13.53 11.31
N VAL A 80 -1.05 -13.36 10.20
CA VAL A 80 -0.68 -14.45 9.30
C VAL A 80 0.83 -14.51 9.25
N PRO A 81 1.46 -15.59 9.76
CA PRO A 81 2.90 -15.63 9.56
C PRO A 81 3.24 -15.85 8.10
N LEU A 82 4.35 -15.32 7.66
CA LEU A 82 4.69 -15.47 6.23
C LEU A 82 5.03 -16.92 5.92
N LYS A 83 5.79 -17.53 6.83
CA LYS A 83 6.52 -18.78 6.65
C LYS A 83 7.31 -18.76 5.34
N GLU B 4 -25.88 -4.95 -1.72
CA GLU B 4 -25.79 -6.44 -1.87
C GLU B 4 -24.30 -6.81 -2.03
N LYS B 5 -23.51 -5.80 -2.43
CA LYS B 5 -22.06 -5.87 -2.47
C LYS B 5 -21.48 -5.47 -1.12
N ARG B 6 -20.46 -6.22 -0.68
CA ARG B 6 -19.84 -5.99 0.61
CA ARG B 6 -19.84 -6.00 0.62
C ARG B 6 -18.33 -5.85 0.45
N PHE B 7 -17.67 -5.21 1.42
CA PHE B 7 -16.19 -5.11 1.46
C PHE B 7 -15.53 -6.35 2.04
N TYR B 8 -14.44 -6.78 1.39
CA TYR B 8 -13.67 -7.92 1.84
C TYR B 8 -12.23 -7.53 1.75
N ILE B 9 -11.41 -8.14 2.59
CA ILE B 9 -9.99 -7.92 2.62
C ILE B 9 -9.39 -9.28 2.29
N LEU B 10 -8.42 -9.34 1.39
CA LEU B 10 -7.69 -10.61 1.17
C LEU B 10 -6.24 -10.40 1.44
N THR B 11 -5.62 -11.38 2.08
CA THR B 11 -4.17 -11.42 2.16
C THR B 11 -3.74 -12.65 1.42
N ILE B 12 -2.79 -12.48 0.50
CA ILE B 12 -2.28 -13.56 -0.31
C ILE B 12 -0.78 -13.65 -0.15
N VAL B 13 -0.27 -14.85 0.17
CA VAL B 13 1.16 -15.12 0.22
C VAL B 13 1.53 -16.12 -0.88
N VAL B 14 2.43 -15.71 -1.77
CA VAL B 14 2.82 -16.49 -2.95
C VAL B 14 4.30 -16.79 -2.91
N GLU B 15 4.69 -18.01 -3.25
CA GLU B 15 6.10 -18.31 -3.52
C GLU B 15 6.52 -17.79 -4.91
N ASP B 16 7.79 -17.41 -5.06
CA ASP B 16 8.31 -16.93 -6.34
C ASP B 16 8.44 -18.05 -7.35
N ARG B 17 7.34 -18.41 -8.00
CA ARG B 17 7.37 -19.36 -9.10
C ARG B 17 6.75 -18.67 -10.30
N GLU B 18 7.25 -18.95 -11.50
CA GLU B 18 6.65 -18.41 -12.73
C GLU B 18 5.16 -18.77 -12.74
N LYS B 19 4.88 -20.06 -12.53
CA LYS B 19 3.54 -20.62 -12.52
C LYS B 19 2.60 -19.97 -11.51
N ALA B 20 2.98 -19.98 -10.22
CA ALA B 20 2.16 -19.44 -9.15
C ALA B 20 1.84 -17.96 -9.35
N TYR B 21 2.87 -17.19 -9.68
CA TYR B 21 2.72 -15.77 -9.99
C TYR B 21 1.73 -15.54 -11.12
N ARG B 22 1.96 -16.22 -12.23
CA ARG B 22 1.15 -16.09 -13.42
C ARG B 22 -0.28 -16.53 -13.16
N GLN B 23 -0.47 -17.59 -12.37
CA GLN B 23 -1.83 -18.03 -12.03
C GLN B 23 -2.56 -17.01 -11.18
N VAL B 24 -1.92 -16.52 -10.11
CA VAL B 24 -2.50 -15.44 -9.30
C VAL B 24 -2.84 -14.22 -10.15
N ASN B 25 -1.87 -13.76 -10.96
CA ASN B 25 -2.08 -12.60 -11.82
C ASN B 25 -3.22 -12.76 -12.85
N GLU B 26 -3.27 -13.88 -13.57
CA GLU B 26 -4.39 -14.17 -14.46
C GLU B 26 -5.74 -14.05 -13.73
N LEU B 27 -5.77 -14.64 -12.54
CA LEU B 27 -6.95 -14.67 -11.70
C LEU B 27 -7.36 -13.29 -11.25
N LEU B 28 -6.41 -12.51 -10.74
CA LEU B 28 -6.67 -11.14 -10.30
C LEU B 28 -7.01 -10.19 -11.46
N HIS B 29 -6.55 -10.49 -12.67
CA HIS B 29 -7.00 -9.76 -13.85
C HIS B 29 -8.51 -9.96 -14.05
N ASN B 30 -8.96 -11.20 -13.91
CA ASN B 30 -10.35 -11.52 -14.13
C ASN B 30 -11.28 -10.80 -13.16
N PHE B 31 -10.76 -10.46 -11.98
CA PHE B 31 -11.56 -9.87 -10.90
C PHE B 31 -11.30 -8.36 -10.69
N SER B 32 -10.62 -7.73 -11.66
CA SER B 32 -10.13 -6.36 -11.50
C SER B 32 -11.27 -5.36 -11.31
N GLU B 33 -12.43 -5.64 -11.87
CA GLU B 33 -13.56 -4.71 -11.75
C GLU B 33 -13.92 -4.33 -10.32
N ASP B 34 -13.82 -5.27 -9.39
CA ASP B 34 -14.25 -5.01 -8.03
C ASP B 34 -13.09 -4.82 -7.07
N ILE B 35 -11.87 -4.78 -7.57
CA ILE B 35 -10.70 -4.55 -6.69
C ILE B 35 -10.53 -3.05 -6.50
N LEU B 36 -10.43 -2.63 -5.24
CA LEU B 36 -10.40 -1.19 -4.92
C LEU B 36 -9.00 -0.77 -4.51
N LEU B 37 -8.16 -1.75 -4.20
CA LEU B 37 -6.80 -1.46 -3.77
C LEU B 37 -6.01 -2.75 -3.93
N ARG B 38 -4.78 -2.64 -4.43
CA ARG B 38 -3.91 -3.83 -4.48
C ARG B 38 -2.54 -3.37 -4.08
N VAL B 39 -1.97 -4.05 -3.11
CA VAL B 39 -0.61 -3.74 -2.66
C VAL B 39 0.25 -4.99 -2.83
N GLY B 40 1.39 -4.84 -3.48
CA GLY B 40 2.31 -5.94 -3.65
C GLY B 40 3.61 -5.66 -2.93
N TYR B 41 4.03 -6.61 -2.09
CA TYR B 41 5.24 -6.44 -1.29
C TYR B 41 6.07 -7.71 -1.36
N PRO B 42 7.13 -7.72 -2.18
CA PRO B 42 7.95 -8.91 -2.17
C PRO B 42 8.82 -9.03 -0.93
N VAL B 43 9.12 -10.26 -0.55
CA VAL B 43 9.96 -10.54 0.58
C VAL B 43 11.05 -11.42 -0.01
N ARG B 44 12.08 -10.80 -0.58
CA ARG B 44 13.08 -11.58 -1.29
C ARG B 44 13.93 -12.45 -0.37
N GLU B 45 14.02 -12.10 0.92
CA GLU B 45 14.73 -12.93 1.92
C GLU B 45 14.21 -14.36 2.03
N GLU B 46 12.96 -14.54 1.62
CA GLU B 46 12.25 -15.80 1.77
C GLU B 46 11.79 -16.37 0.43
N ASN B 47 12.18 -15.72 -0.67
CA ASN B 47 11.63 -15.99 -2.01
C ASN B 47 10.09 -16.03 -2.05
N ALA B 49 6.16 -13.41 -2.09
CA ALA B 49 5.53 -12.09 -2.23
C ALA B 49 4.24 -12.06 -1.44
N ILE B 50 3.92 -10.87 -0.92
CA ILE B 50 2.66 -10.65 -0.21
C ILE B 50 1.81 -9.78 -1.13
N ILE B 51 0.53 -10.14 -1.27
CA ILE B 51 -0.43 -9.25 -1.93
C ILE B 51 -1.58 -8.97 -0.98
N PHE B 52 -1.97 -7.71 -0.86
CA PHE B 52 -3.11 -7.29 -0.04
C PHE B 52 -4.14 -6.78 -1.01
N LEU B 53 -5.39 -7.16 -0.80
CA LEU B 53 -6.48 -6.68 -1.67
C LEU B 53 -7.63 -6.17 -0.84
N VAL B 54 -8.26 -5.08 -1.28
CA VAL B 54 -9.60 -4.72 -0.83
C VAL B 54 -10.55 -4.78 -2.02
N LEU B 55 -11.69 -5.47 -1.84
CA LEU B 55 -12.71 -5.61 -2.87
C LEU B 55 -14.05 -5.17 -2.32
N LYS B 56 -14.94 -4.70 -3.17
CA LYS B 56 -16.33 -4.54 -2.80
C LYS B 56 -17.07 -5.35 -3.83
N THR B 57 -17.73 -6.41 -3.38
CA THR B 57 -18.24 -7.38 -4.34
C THR B 57 -19.36 -8.24 -3.78
N ASP B 58 -20.02 -9.04 -4.61
CA ASP B 58 -21.12 -9.85 -4.13
C ASP B 58 -20.65 -11.21 -3.63
N ASN B 59 -21.58 -12.04 -3.15
CA ASN B 59 -21.24 -13.34 -2.60
C ASN B 59 -20.58 -14.33 -3.58
N ASP B 60 -21.16 -14.45 -4.77
CA ASP B 60 -20.65 -15.36 -5.83
C ASP B 60 -19.18 -15.05 -6.12
N THR B 61 -18.90 -13.78 -6.31
CA THR B 61 -17.61 -13.30 -6.73
C THR B 61 -16.52 -13.48 -5.66
N ILE B 62 -16.82 -13.19 -4.40
CA ILE B 62 -15.77 -13.34 -3.39
C ILE B 62 -15.49 -14.83 -3.08
N GLY B 63 -16.51 -15.65 -3.17
CA GLY B 63 -16.35 -17.10 -3.04
C GLY B 63 -15.56 -17.69 -4.21
N ALA B 64 -15.85 -17.21 -5.43
CA ALA B 64 -15.10 -17.61 -6.62
C ALA B 64 -13.63 -17.26 -6.47
N LEU B 65 -13.35 -16.04 -6.07
CA LEU B 65 -11.97 -15.57 -6.00
C LEU B 65 -11.20 -16.31 -4.92
N SER B 66 -11.73 -16.34 -3.70
CA SER B 66 -11.02 -16.99 -2.61
C SER B 66 -10.91 -18.53 -2.82
N GLY B 67 -11.91 -19.13 -3.45
CA GLY B 67 -11.89 -20.55 -3.74
C GLY B 67 -10.79 -20.89 -4.75
N LYS B 68 -10.68 -20.06 -5.79
CA LYS B 68 -9.73 -20.29 -6.87
C LYS B 68 -8.30 -20.04 -6.36
N LEU B 69 -8.10 -18.94 -5.65
CA LEU B 69 -6.83 -18.66 -4.96
C LEU B 69 -6.42 -19.79 -4.03
N GLY B 70 -7.36 -20.26 -3.21
CA GLY B 70 -7.15 -21.42 -2.32
C GLY B 70 -6.65 -22.71 -2.95
N GLN B 71 -6.74 -22.84 -4.27
CA GLN B 71 -6.27 -24.09 -4.88
C GLN B 71 -5.08 -23.98 -5.83
N ILE B 72 -4.37 -22.86 -5.76
CA ILE B 72 -3.12 -22.68 -6.50
C ILE B 72 -1.99 -23.15 -5.60
N SER B 73 -1.20 -24.11 -6.05
CA SER B 73 -0.05 -24.58 -5.27
C SER B 73 0.94 -23.41 -5.02
N GLY B 74 1.38 -23.26 -3.77
CA GLY B 74 2.31 -22.20 -3.40
C GLY B 74 1.62 -20.90 -3.05
N VAL B 75 0.29 -20.93 -3.01
CA VAL B 75 -0.48 -19.78 -2.59
C VAL B 75 -1.14 -20.09 -1.25
N ARG B 76 -1.16 -19.11 -0.35
CA ARG B 76 -1.93 -19.19 0.88
C ARG B 76 -2.72 -17.90 0.92
N VAL B 77 -4.04 -18.03 1.08
CA VAL B 77 -4.93 -16.86 1.09
C VAL B 77 -5.80 -16.83 2.36
N LYS B 78 -6.07 -15.63 2.88
CA LYS B 78 -7.03 -15.45 3.98
C LYS B 78 -7.98 -14.35 3.53
N THR B 79 -9.28 -14.59 3.65
CA THR B 79 -10.30 -13.60 3.27
C THR B 79 -11.08 -13.23 4.55
N VAL B 80 -11.25 -11.94 4.77
CA VAL B 80 -11.87 -11.38 5.98
C VAL B 80 -12.97 -10.40 5.53
N PRO B 81 -14.21 -10.54 6.06
CA PRO B 81 -15.14 -9.47 5.70
C PRO B 81 -14.86 -8.20 6.52
N LEU B 82 -15.11 -7.02 5.94
CA LEU B 82 -14.96 -5.78 6.68
C LEU B 82 -15.93 -5.74 7.86
N LYS B 83 -17.16 -6.18 7.61
CA LYS B 83 -18.19 -6.20 8.64
C LYS B 83 -18.52 -7.66 8.96
N ARG B 84 -18.50 -7.98 10.26
CA ARG B 84 -18.62 -9.36 10.72
C ARG B 84 -19.95 -10.01 10.39
N GLU C 4 -14.00 23.38 -5.91
CA GLU C 4 -14.46 21.95 -5.83
C GLU C 4 -13.27 20.97 -5.81
N LYS C 5 -13.57 19.71 -5.44
CA LYS C 5 -12.56 18.72 -5.11
C LYS C 5 -12.05 17.95 -6.31
N ARG C 6 -10.78 17.59 -6.28
CA ARG C 6 -10.25 16.73 -7.33
C ARG C 6 -9.25 15.80 -6.67
N PHE C 7 -8.71 14.83 -7.42
CA PHE C 7 -7.78 13.90 -6.83
C PHE C 7 -6.33 14.37 -6.94
N TYR C 8 -5.58 14.17 -5.86
CA TYR C 8 -4.17 14.49 -5.79
C TYR C 8 -3.38 13.32 -5.27
N ILE C 9 -2.13 13.23 -5.72
CA ILE C 9 -1.19 12.27 -5.24
C ILE C 9 -0.11 13.08 -4.54
N LEU C 10 0.21 12.70 -3.30
CA LEU C 10 1.28 13.34 -2.54
C LEU C 10 2.32 12.28 -2.20
N THR C 11 3.57 12.60 -2.46
CA THR C 11 4.69 11.74 -2.06
C THR C 11 5.50 12.55 -1.07
N ILE C 12 5.72 11.95 0.10
CA ILE C 12 6.54 12.54 1.16
C ILE C 12 7.77 11.68 1.41
N VAL C 13 8.94 12.31 1.49
CA VAL C 13 10.16 11.62 1.90
C VAL C 13 10.63 12.27 3.18
N VAL C 14 10.69 11.47 4.25
CA VAL C 14 11.03 11.99 5.58
C VAL C 14 12.36 11.43 6.08
N GLU C 15 13.25 12.29 6.53
CA GLU C 15 14.44 11.80 7.24
C GLU C 15 14.06 11.30 8.63
N ASP C 16 14.62 10.15 9.01
CA ASP C 16 14.22 9.44 10.21
C ASP C 16 14.73 10.14 11.45
N ARG C 17 13.96 11.13 11.88
CA ARG C 17 14.20 11.87 13.09
C ARG C 17 12.88 11.91 13.85
N GLU C 18 12.95 11.67 15.16
CA GLU C 18 11.75 11.62 16.01
C GLU C 18 10.80 12.80 15.75
N LYS C 19 11.36 14.01 15.83
CA LYS C 19 10.63 15.27 15.67
C LYS C 19 9.90 15.34 14.31
N ALA C 20 10.64 15.06 13.24
CA ALA C 20 10.03 15.04 11.89
C ALA C 20 8.85 14.09 11.78
N TYR C 21 8.97 12.87 12.32
CA TYR C 21 7.86 11.90 12.22
C TYR C 21 6.66 12.45 12.96
N ARG C 22 6.88 12.90 14.19
CA ARG C 22 5.82 13.44 15.02
C ARG C 22 5.05 14.56 14.29
N GLN C 23 5.79 15.53 13.75
CA GLN C 23 5.20 16.66 13.04
C GLN C 23 4.43 16.26 11.78
N VAL C 24 4.98 15.32 11.01
CA VAL C 24 4.29 14.81 9.85
C VAL C 24 2.98 14.13 10.28
N ASN C 25 3.06 13.28 11.30
CA ASN C 25 1.87 12.54 11.76
C ASN C 25 0.77 13.45 12.26
N GLU C 26 1.15 14.47 13.01
CA GLU C 26 0.22 15.47 13.48
C GLU C 26 -0.46 16.18 12.30
N LEU C 27 0.32 16.58 11.30
CA LEU C 27 -0.26 17.22 10.13
C LEU C 27 -1.22 16.29 9.41
N LEU C 28 -0.81 15.07 9.15
CA LEU C 28 -1.63 14.13 8.39
C LEU C 28 -2.90 13.75 9.17
N HIS C 29 -2.78 13.69 10.49
CA HIS C 29 -3.97 13.57 11.35
C HIS C 29 -4.96 14.72 11.14
N ASN C 30 -4.46 15.96 11.16
CA ASN C 30 -5.35 17.11 11.05
C ASN C 30 -6.08 17.15 9.69
N PHE C 31 -5.48 16.53 8.68
CA PHE C 31 -6.01 16.52 7.32
C PHE C 31 -6.62 15.18 6.93
N SER C 32 -6.91 14.33 7.91
CA SER C 32 -7.24 12.94 7.58
C SER C 32 -8.55 12.82 6.79
N GLU C 33 -9.46 13.76 6.92
CA GLU C 33 -10.76 13.63 6.27
C GLU C 33 -10.65 13.58 4.75
N ASP C 34 -9.56 14.11 4.21
CA ASP C 34 -9.37 14.22 2.76
C ASP C 34 -8.51 13.10 2.20
N ILE C 35 -7.95 12.27 3.07
CA ILE C 35 -6.95 11.27 2.64
C ILE C 35 -7.72 9.98 2.37
N LEU C 36 -7.51 9.40 1.17
CA LEU C 36 -8.23 8.20 0.72
C LEU C 36 -7.36 7.00 0.85
N LEU C 37 -6.04 7.22 0.91
CA LEU C 37 -5.11 6.12 1.03
C LEU C 37 -3.81 6.62 1.63
N ARG C 38 -3.18 5.82 2.47
CA ARG C 38 -1.86 6.20 2.98
C ARG C 38 -0.98 4.98 3.04
N VAL C 39 0.22 5.07 2.46
CA VAL C 39 1.16 3.95 2.46
C VAL C 39 2.45 4.47 3.04
N GLY C 40 2.95 3.80 4.07
CA GLY C 40 4.23 4.16 4.71
C GLY C 40 5.22 3.03 4.51
N TYR C 41 6.39 3.36 3.97
CA TYR C 41 7.42 2.40 3.68
C TYR C 41 8.73 2.95 4.19
N PRO C 42 9.22 2.43 5.34
CA PRO C 42 10.51 2.81 5.82
C PRO C 42 11.64 2.32 4.93
N VAL C 43 12.67 3.14 4.80
CA VAL C 43 13.90 2.76 4.16
C VAL C 43 15.00 2.85 5.21
N ARG C 44 15.06 1.87 6.10
CA ARG C 44 16.00 1.93 7.23
C ARG C 44 17.46 2.00 6.80
N GLU C 45 17.75 1.36 5.67
CA GLU C 45 19.08 1.42 5.04
C GLU C 45 19.53 2.88 4.85
N GLU C 46 18.57 3.76 4.56
CA GLU C 46 18.84 5.17 4.27
C GLU C 46 18.36 6.12 5.36
N ASN C 47 17.96 5.59 6.51
CA ASN C 47 17.38 6.39 7.59
C ASN C 47 16.33 7.37 7.16
N ALA C 49 11.95 7.49 5.50
CA ALA C 49 10.68 6.84 5.20
C ALA C 49 10.07 7.50 4.00
N ILE C 50 9.27 6.74 3.28
CA ILE C 50 8.50 7.25 2.16
C ILE C 50 7.04 7.10 2.56
N ILE C 51 6.25 8.14 2.27
CA ILE C 51 4.79 8.11 2.47
C ILE C 51 4.10 8.51 1.17
N PHE C 52 3.21 7.64 0.68
CA PHE C 52 2.38 7.97 -0.47
C PHE C 52 0.97 8.25 0.01
N LEU C 53 0.36 9.32 -0.49
CA LEU C 53 -1.03 9.62 -0.12
C LEU C 53 -1.84 9.86 -1.38
N VAL C 54 -3.14 9.51 -1.33
CA VAL C 54 -4.09 9.96 -2.33
C VAL C 54 -5.13 10.76 -1.58
N LEU C 55 -5.46 11.95 -2.07
CA LEU C 55 -6.47 12.79 -1.45
C LEU C 55 -7.48 13.15 -2.50
N LYS C 56 -8.70 13.44 -2.05
CA LYS C 56 -9.67 14.12 -2.91
C LYS C 56 -10.02 15.38 -2.12
N THR C 57 -9.63 16.55 -2.63
CA THR C 57 -9.81 17.78 -1.87
C THR C 57 -9.69 18.95 -2.82
N ASP C 58 -9.68 20.16 -2.28
CA ASP C 58 -9.63 21.34 -3.16
C ASP C 58 -8.26 22.03 -3.16
N ASN C 59 -8.09 23.10 -3.94
CA ASN C 59 -6.79 23.81 -4.00
C ASN C 59 -6.28 24.30 -2.65
N ASP C 60 -7.14 25.02 -1.91
CA ASP C 60 -6.80 25.54 -0.58
C ASP C 60 -6.19 24.47 0.30
N THR C 61 -6.84 23.32 0.32
CA THR C 61 -6.51 22.31 1.26
C THR C 61 -5.21 21.62 0.86
N ILE C 62 -5.07 21.27 -0.42
CA ILE C 62 -3.82 20.58 -0.86
C ILE C 62 -2.63 21.54 -0.76
N GLY C 63 -2.87 22.83 -1.03
CA GLY C 63 -1.87 23.90 -0.87
C GLY C 63 -1.40 24.13 0.56
N ALA C 64 -2.33 24.18 1.50
CA ALA C 64 -2.01 24.27 2.92
C ALA C 64 -1.24 23.03 3.40
N LEU C 65 -1.72 21.84 3.07
CA LEU C 65 -1.06 20.63 3.54
C LEU C 65 0.37 20.49 2.99
N SER C 66 0.51 20.60 1.68
CA SER C 66 1.81 20.50 1.01
C SER C 66 2.79 21.54 1.53
N GLY C 67 2.32 22.78 1.62
CA GLY C 67 3.13 23.89 2.13
C GLY C 67 3.62 23.61 3.54
N LYS C 68 2.74 23.09 4.38
CA LYS C 68 3.08 22.87 5.77
C LYS C 68 4.00 21.64 5.94
N LEU C 69 3.78 20.61 5.14
CA LEU C 69 4.69 19.47 5.10
C LEU C 69 6.08 19.91 4.68
N GLY C 70 6.15 20.70 3.61
CA GLY C 70 7.42 21.18 3.11
C GLY C 70 8.21 22.03 4.10
N GLN C 71 7.56 22.57 5.14
CA GLN C 71 8.23 23.39 6.16
C GLN C 71 8.78 22.59 7.35
N ILE C 72 8.55 21.29 7.34
CA ILE C 72 9.08 20.44 8.42
C ILE C 72 10.53 20.09 8.07
N SER C 73 11.47 20.38 8.95
CA SER C 73 12.85 19.99 8.75
C SER C 73 12.96 18.47 8.44
N GLY C 74 13.63 18.15 7.33
CA GLY C 74 13.90 16.77 6.96
C GLY C 74 12.84 16.16 6.09
N VAL C 75 11.86 16.97 5.69
CA VAL C 75 10.74 16.53 4.88
C VAL C 75 10.81 17.16 3.49
N ARG C 76 10.60 16.35 2.47
CA ARG C 76 10.40 16.87 1.10
C ARG C 76 9.07 16.33 0.63
N VAL C 77 8.35 17.13 -0.14
CA VAL C 77 6.99 16.75 -0.53
C VAL C 77 6.88 17.03 -2.01
N LYS C 78 6.14 16.17 -2.72
CA LYS C 78 5.81 16.41 -4.13
C LYS C 78 4.33 16.14 -4.30
N THR C 79 3.61 17.07 -4.91
CA THR C 79 2.17 16.97 -5.14
C THR C 79 1.85 16.95 -6.63
N VAL C 80 1.12 15.94 -7.07
CA VAL C 80 0.72 15.81 -8.49
C VAL C 80 -0.82 15.72 -8.55
N PRO C 81 -1.49 16.64 -9.29
CA PRO C 81 -2.91 16.38 -9.54
C PRO C 81 -3.08 15.14 -10.40
N LEU C 82 -4.17 14.42 -10.18
CA LEU C 82 -4.47 13.24 -10.99
C LEU C 82 -4.73 13.73 -12.41
N LYS C 83 -5.57 14.76 -12.52
CA LYS C 83 -6.06 15.31 -13.77
C LYS C 83 -6.91 14.34 -14.57
N HIS D 2 30.11 4.18 -4.05
CA HIS D 2 29.50 4.53 -5.36
C HIS D 2 29.18 3.32 -6.23
N GLU D 4 26.57 1.78 -6.34
CA GLU D 4 25.52 0.97 -5.73
C GLU D 4 24.15 1.35 -6.28
N LYS D 5 23.23 0.39 -6.23
CA LYS D 5 21.82 0.63 -6.52
C LYS D 5 21.31 1.73 -5.59
N ARG D 6 20.39 2.55 -6.09
CA ARG D 6 19.77 3.64 -5.37
C ARG D 6 18.25 3.45 -5.32
N PHE D 7 17.59 4.07 -4.35
CA PHE D 7 16.15 4.05 -4.30
C PHE D 7 15.52 5.13 -5.16
N TYR D 8 14.45 4.75 -5.81
CA TYR D 8 13.65 5.65 -6.62
C TYR D 8 12.21 5.45 -6.29
N ILE D 9 11.46 6.54 -6.39
CA ILE D 9 10.01 6.50 -6.30
C ILE D 9 9.40 6.78 -7.70
N LEU D 10 8.42 5.97 -8.10
CA LEU D 10 7.71 6.20 -9.36
C LEU D 10 6.23 6.31 -9.09
N THR D 11 5.63 7.37 -9.62
CA THR D 11 4.19 7.48 -9.65
C THR D 11 3.72 7.43 -11.09
N ILE D 12 2.81 6.51 -11.36
CA ILE D 12 2.25 6.31 -12.68
C ILE D 12 0.76 6.59 -12.59
N VAL D 13 0.26 7.42 -13.49
CA VAL D 13 -1.18 7.61 -13.64
C VAL D 13 -1.62 7.05 -15.00
N VAL D 14 -2.48 6.04 -14.96
CA VAL D 14 -2.93 5.34 -16.16
C VAL D 14 -4.41 5.57 -16.44
N GLU D 15 -4.77 5.79 -17.71
CA GLU D 15 -6.19 5.74 -18.13
C GLU D 15 -6.61 4.27 -18.15
N ASP D 16 -7.67 3.94 -17.41
CA ASP D 16 -7.94 2.55 -17.00
C ASP D 16 -8.64 1.72 -18.05
N ARG D 17 -8.28 1.97 -19.32
CA ARG D 17 -8.74 1.12 -20.42
C ARG D 17 -7.86 -0.13 -20.55
N GLU D 18 -8.29 -1.06 -21.40
CA GLU D 18 -7.66 -2.39 -21.48
C GLU D 18 -6.19 -2.35 -21.90
N LYS D 19 -5.92 -1.76 -23.08
CA LYS D 19 -4.59 -1.69 -23.68
C LYS D 19 -3.56 -1.04 -22.75
N ALA D 20 -3.87 0.18 -22.29
CA ALA D 20 -2.96 0.93 -21.43
C ALA D 20 -2.58 0.12 -20.20
N TYR D 21 -3.56 -0.46 -19.53
CA TYR D 21 -3.27 -1.23 -18.36
C TYR D 21 -2.44 -2.48 -18.67
N ARG D 22 -2.74 -3.15 -19.78
CA ARG D 22 -2.02 -4.35 -20.23
C ARG D 22 -0.54 -4.06 -20.45
N GLN D 23 -0.25 -2.99 -21.18
CA GLN D 23 1.13 -2.60 -21.48
C GLN D 23 1.93 -2.20 -20.24
N VAL D 24 1.33 -1.42 -19.35
CA VAL D 24 1.99 -1.08 -18.08
C VAL D 24 2.32 -2.35 -17.29
N ASN D 25 1.35 -3.27 -17.20
CA ASN D 25 1.54 -4.54 -16.48
C ASN D 25 2.62 -5.41 -17.08
N GLU D 26 2.69 -5.48 -18.41
CA GLU D 26 3.72 -6.28 -19.04
C GLU D 26 5.10 -5.72 -18.73
N LEU D 27 5.21 -4.39 -18.77
CA LEU D 27 6.44 -3.69 -18.47
C LEU D 27 6.94 -3.90 -17.05
N LEU D 28 6.07 -3.66 -16.07
CA LEU D 28 6.37 -3.86 -14.66
C LEU D 28 6.68 -5.32 -14.30
N HIS D 29 6.03 -6.27 -14.96
CA HIS D 29 6.43 -7.68 -14.87
C HIS D 29 7.89 -7.84 -15.31
N ASN D 30 8.25 -7.26 -16.46
CA ASN D 30 9.61 -7.36 -16.97
C ASN D 30 10.64 -6.84 -15.99
N PHE D 31 10.29 -5.77 -15.28
CA PHE D 31 11.19 -5.10 -14.36
C PHE D 31 10.94 -5.46 -12.90
N SER D 32 10.32 -6.60 -12.62
CA SER D 32 9.84 -6.84 -11.25
C SER D 32 10.98 -7.05 -10.22
N GLU D 33 12.16 -7.46 -10.72
CA GLU D 33 13.36 -7.75 -9.92
C GLU D 33 13.71 -6.65 -8.94
N ASP D 34 13.67 -5.41 -9.40
CA ASP D 34 14.11 -4.30 -8.56
C ASP D 34 12.95 -3.52 -7.99
N ILE D 35 11.73 -4.05 -8.11
CA ILE D 35 10.56 -3.38 -7.51
C ILE D 35 10.42 -3.84 -6.06
N LEU D 36 10.44 -2.93 -5.12
CA LEU D 36 10.31 -3.34 -3.71
C LEU D 36 8.91 -3.18 -3.19
N LEU D 37 8.10 -2.39 -3.89
CA LEU D 37 6.76 -2.08 -3.42
C LEU D 37 5.94 -1.63 -4.59
N ARG D 38 4.71 -2.15 -4.68
CA ARG D 38 3.78 -1.68 -5.73
C ARG D 38 2.40 -1.49 -5.08
N VAL D 39 1.84 -0.30 -5.27
CA VAL D 39 0.47 0.00 -4.79
C VAL D 39 -0.35 0.49 -5.98
N GLY D 40 -1.46 -0.18 -6.22
CA GLY D 40 -2.41 0.16 -7.28
C GLY D 40 -3.71 0.62 -6.67
N TYR D 41 -4.14 1.81 -7.04
CA TYR D 41 -5.38 2.41 -6.53
C TYR D 41 -6.20 2.94 -7.70
N PRO D 42 -7.27 2.20 -8.09
CA PRO D 42 -8.20 2.69 -9.12
C PRO D 42 -8.97 3.92 -8.68
N VAL D 43 -9.13 4.86 -9.62
CA VAL D 43 -9.98 6.03 -9.42
C VAL D 43 -11.12 5.90 -10.44
N ARG D 44 -12.11 5.11 -10.09
CA ARG D 44 -13.10 4.72 -11.07
C ARG D 44 -13.99 5.86 -11.46
N GLU D 45 -14.14 6.79 -10.53
CA GLU D 45 -14.80 8.06 -10.82
C GLU D 45 -14.17 8.73 -12.02
N GLU D 46 -12.87 8.55 -12.21
CA GLU D 46 -12.14 9.21 -13.28
C GLU D 46 -11.61 8.29 -14.38
N ASN D 47 -11.99 7.00 -14.35
CA ASN D 47 -11.52 6.01 -15.32
C ASN D 47 -9.99 6.02 -15.42
N ALA D 49 -6.19 5.01 -13.02
CA ALA D 49 -5.63 4.17 -11.99
C ALA D 49 -4.34 4.84 -11.61
N ILE D 50 -4.02 4.82 -10.32
CA ILE D 50 -2.74 5.33 -9.80
C ILE D 50 -1.91 4.14 -9.39
N ILE D 51 -0.61 4.17 -9.73
CA ILE D 51 0.32 3.11 -9.27
C ILE D 51 1.53 3.81 -8.66
N PHE D 52 1.89 3.40 -7.44
CA PHE D 52 3.08 3.88 -6.78
C PHE D 52 4.06 2.73 -6.76
N LEU D 53 5.33 3.02 -7.06
CA LEU D 53 6.42 2.02 -7.02
C LEU D 53 7.59 2.57 -6.22
N VAL D 54 8.22 1.69 -5.45
CA VAL D 54 9.56 1.94 -4.89
C VAL D 54 10.48 0.93 -5.56
N LEU D 55 11.61 1.39 -6.11
CA LEU D 55 12.59 0.50 -6.71
C LEU D 55 13.88 0.76 -6.01
N LYS D 56 14.72 -0.27 -5.95
CA LYS D 56 16.12 -0.03 -5.64
C LYS D 56 16.89 -0.60 -6.83
N THR D 57 17.49 0.28 -7.62
CA THR D 57 18.03 -0.17 -8.88
C THR D 57 19.13 0.73 -9.42
N ASP D 58 19.63 0.44 -10.60
CA ASP D 58 20.76 1.23 -11.09
C ASP D 58 20.28 2.23 -12.14
N ASN D 59 21.20 3.03 -12.66
CA ASN D 59 20.85 4.08 -13.60
C ASN D 59 20.28 3.55 -14.90
N ASP D 60 20.94 2.53 -15.45
CA ASP D 60 20.51 1.87 -16.71
C ASP D 60 19.05 1.45 -16.57
N THR D 61 18.70 0.90 -15.42
CA THR D 61 17.42 0.25 -15.23
C THR D 61 16.27 1.28 -15.04
N ILE D 62 16.43 2.24 -14.14
CA ILE D 62 15.38 3.26 -13.93
C ILE D 62 15.08 4.03 -15.24
N GLY D 63 16.13 4.34 -15.98
CA GLY D 63 16.06 5.02 -17.28
C GLY D 63 15.32 4.23 -18.33
N ALA D 64 15.61 2.92 -18.39
CA ALA D 64 14.93 2.01 -19.31
C ALA D 64 13.43 1.98 -19.01
N LEU D 65 13.09 1.87 -17.73
CA LEU D 65 11.72 1.74 -17.28
C LEU D 65 10.92 3.03 -17.56
N SER D 66 11.46 4.16 -17.15
CA SER D 66 10.89 5.48 -17.40
C SER D 66 10.67 5.81 -18.88
N GLY D 67 11.66 5.52 -19.73
CA GLY D 67 11.57 5.73 -21.17
C GLY D 67 10.40 4.93 -21.74
N LYS D 68 10.27 3.69 -21.28
CA LYS D 68 9.28 2.76 -21.81
C LYS D 68 7.85 3.11 -21.36
N LEU D 69 7.68 3.37 -20.08
CA LEU D 69 6.38 3.81 -19.56
C LEU D 69 5.88 5.04 -20.31
N GLY D 70 6.78 5.99 -20.55
CA GLY D 70 6.45 7.24 -21.24
C GLY D 70 6.10 7.07 -22.71
N GLN D 71 6.40 5.90 -23.26
CA GLN D 71 6.05 5.57 -24.64
C GLN D 71 4.68 4.88 -24.71
N ILE D 72 4.02 4.69 -23.56
CA ILE D 72 2.68 4.08 -23.54
C ILE D 72 1.57 5.12 -23.53
N SER D 73 0.69 5.05 -24.53
CA SER D 73 -0.45 5.95 -24.66
C SER D 73 -1.37 5.93 -23.44
N GLY D 74 -1.66 7.12 -22.92
CA GLY D 74 -2.55 7.26 -21.74
C GLY D 74 -1.85 7.01 -20.42
N VAL D 75 -0.52 7.17 -20.39
CA VAL D 75 0.23 6.95 -19.16
C VAL D 75 1.10 8.17 -18.88
N ARG D 76 0.98 8.70 -17.67
CA ARG D 76 1.92 9.72 -17.22
C ARG D 76 2.73 9.20 -16.09
N VAL D 77 4.03 9.45 -16.13
CA VAL D 77 4.89 8.94 -15.07
C VAL D 77 5.82 10.01 -14.52
N LYS D 78 6.06 9.95 -13.22
CA LYS D 78 6.97 10.86 -12.58
C LYS D 78 7.95 10.01 -11.79
N THR D 79 9.24 10.22 -12.08
CA THR D 79 10.27 9.42 -11.44
C THR D 79 11.14 10.31 -10.58
N VAL D 80 11.33 9.93 -9.32
CA VAL D 80 12.25 10.67 -8.42
C VAL D 80 13.17 9.83 -7.53
N PRO D 81 14.46 10.20 -7.41
CA PRO D 81 15.34 9.47 -6.50
C PRO D 81 15.00 9.80 -5.06
N LEU D 82 15.18 8.81 -4.18
CA LEU D 82 15.09 9.01 -2.74
C LEU D 82 16.17 10.02 -2.32
N LYS D 83 17.33 9.91 -2.96
CA LYS D 83 18.50 10.83 -2.82
C LYS D 83 19.44 10.49 -1.66
#